data_5AUY
#
_entry.id   5AUY
#
_cell.length_a   46.837
_cell.length_b   62.210
_cell.length_c   88.315
_cell.angle_alpha   90.00
_cell.angle_beta   90.00
_cell.angle_gamma   90.00
#
_symmetry.space_group_name_H-M   'P 21 21 21'
#
loop_
_entity.id
_entity.type
_entity.pdbx_description
1 polymer 'Death-associated protein kinase 1'
2 non-polymer 2-[2,4-bis(oxidanyl)phenyl]-3,5,7-tris(oxidanyl)chromen-4-one
3 water water
#
_entity_poly.entity_id   1
_entity_poly.type   'polypeptide(L)'
_entity_poly.pdbx_seq_one_letter_code
;MTVFRQENVDDYYDTGEELGSGQFAVVKKCREKSTGLQYAAKFIKKRRTKSSRRGVSREDIEREVSILKEIQHPNVITLH
EVYENKTDVILILELVAGGELFDFLAEKESLTEEEATEFLKQILNGVYYLHSLQIAHFDLKPENIMLLDRNVPKPRIKII
DFGLAHKIDFGNEFKNIFGTPEFVAPEIVNYEPLGLEADMWSIGVITYILLSGASPFLGDTKQETLANVSAVNYEFEDEY
FSNTSALAKDFIRRLLVKDPKKRMTIQDSLQHPWIKPKDTQQALSLEHHHHHH
;
_entity_poly.pdbx_strand_id   A
#
loop_
_chem_comp.id
_chem_comp.type
_chem_comp.name
_chem_comp.formula
MRI non-polymer 2-[2,4-bis(oxidanyl)phenyl]-3,5,7-tris(oxidanyl)chromen-4-one 'C15 H10 O7'
#
# COMPACT_ATOMS: atom_id res chain seq x y z
N THR A 2 11.35 -21.33 -6.38
CA THR A 2 12.51 -20.80 -5.67
C THR A 2 12.43 -21.12 -4.18
N VAL A 3 13.55 -21.60 -3.63
CA VAL A 3 13.61 -21.92 -2.21
C VAL A 3 14.34 -20.84 -1.43
N PHE A 4 14.12 -20.81 -0.12
CA PHE A 4 14.77 -19.80 0.72
C PHE A 4 15.62 -20.44 1.82
N ARG A 5 16.29 -19.60 2.62
CA ARG A 5 17.18 -20.07 3.68
C ARG A 5 16.42 -20.90 4.71
N GLN A 6 16.78 -22.16 4.88
CA GLN A 6 16.02 -23.02 5.77
C GLN A 6 16.70 -23.29 7.12
N GLU A 7 17.57 -22.38 7.53
CA GLU A 7 18.11 -22.40 8.89
C GLU A 7 17.04 -21.85 9.83
N ASN A 8 17.13 -22.16 11.12
CA ASN A 8 16.22 -21.58 12.09
C ASN A 8 16.48 -20.07 12.21
N VAL A 9 15.44 -19.27 11.97
CA VAL A 9 15.53 -17.81 12.01
C VAL A 9 16.01 -17.30 13.37
N ASP A 10 15.66 -18.02 14.43
CA ASP A 10 16.04 -17.64 15.78
C ASP A 10 17.53 -17.88 16.09
N ASP A 11 18.22 -18.56 15.18
CA ASP A 11 19.68 -18.73 15.30
C ASP A 11 20.39 -17.44 14.92
N TYR A 12 19.71 -16.62 14.12
CA TYR A 12 20.32 -15.43 13.54
C TYR A 12 19.65 -14.14 14.01
N TYR A 13 18.42 -14.25 14.51
CA TYR A 13 17.66 -13.07 14.94
C TYR A 13 16.98 -13.29 16.29
N ASP A 14 16.87 -12.21 17.07
CA ASP A 14 16.06 -12.19 18.27
C ASP A 14 14.83 -11.34 17.94
N THR A 15 13.64 -11.86 18.21
CA THR A 15 12.43 -11.09 17.98
C THR A 15 12.06 -10.31 19.23
N GLY A 16 11.17 -9.33 19.08
CA GLY A 16 10.73 -8.52 20.19
C GLY A 16 9.27 -8.14 20.03
N GLU A 17 9.01 -6.83 20.12
CA GLU A 17 7.67 -6.27 20.03
C GLU A 17 6.96 -6.57 18.70
N GLU A 18 5.65 -6.79 18.77
CA GLU A 18 4.85 -6.99 17.57
C GLU A 18 4.52 -5.65 16.89
N LEU A 19 4.66 -5.60 15.58
CA LEU A 19 4.50 -4.36 14.82
C LEU A 19 3.24 -4.35 13.97
N GLY A 20 2.84 -5.54 13.51
CA GLY A 20 1.71 -5.68 12.61
C GLY A 20 1.15 -7.09 12.61
N SER A 21 -0.08 -7.23 12.12
CA SER A 21 -0.77 -8.52 12.20
C SER A 21 -1.84 -8.58 11.13
N GLY A 22 -1.78 -9.60 10.29
CA GLY A 22 -2.74 -9.78 9.22
C GLY A 22 -3.43 -11.14 9.25
N GLN A 23 -4.13 -11.46 8.16
CA GLN A 23 -4.89 -12.69 8.08
C GLN A 23 -4.08 -13.98 8.29
N PHE A 24 -2.97 -14.12 7.56
CA PHE A 24 -2.11 -15.30 7.74
C PHE A 24 -0.67 -14.92 8.03
N ALA A 25 -0.51 -13.78 8.71
CA ALA A 25 0.83 -13.28 8.99
C ALA A 25 0.88 -12.42 10.24
N VAL A 26 2.03 -12.45 10.91
CA VAL A 26 2.31 -11.55 12.02
C VAL A 26 3.67 -10.91 11.73
N VAL A 27 3.82 -9.62 12.03
CA VAL A 27 5.08 -8.92 11.81
C VAL A 27 5.71 -8.60 13.15
N LYS A 28 6.98 -8.96 13.33
CA LYS A 28 7.63 -8.73 14.61
C LYS A 28 8.96 -8.00 14.46
N LYS A 29 9.18 -7.01 15.32
CA LYS A 29 10.46 -6.34 15.42
C LYS A 29 11.53 -7.38 15.76
N CYS A 30 12.72 -7.22 15.19
CA CYS A 30 13.79 -8.16 15.48
C CYS A 30 15.16 -7.52 15.34
N ARG A 31 16.17 -8.24 15.83
CA ARG A 31 17.53 -7.75 15.82
C ARG A 31 18.48 -8.84 15.31
N GLU A 32 19.22 -8.55 14.26
CA GLU A 32 20.18 -9.51 13.71
C GLU A 32 21.39 -9.62 14.63
N LYS A 33 21.66 -10.83 15.09
CA LYS A 33 22.71 -11.09 16.08
C LYS A 33 24.10 -10.66 15.61
N SER A 34 24.41 -10.89 14.34
CA SER A 34 25.77 -10.64 13.85
C SER A 34 26.10 -9.14 13.68
N THR A 35 25.08 -8.29 13.63
CA THR A 35 25.30 -6.87 13.31
C THR A 35 24.68 -5.88 14.31
N GLY A 36 23.76 -6.36 15.15
CA GLY A 36 23.01 -5.49 16.05
C GLY A 36 21.96 -4.66 15.31
N LEU A 37 21.91 -4.80 14.00
CA LEU A 37 20.97 -4.03 13.18
C LEU A 37 19.56 -4.56 13.33
N GLN A 38 18.58 -3.66 13.30
CA GLN A 38 17.20 -4.03 13.55
C GLN A 38 16.33 -4.09 12.30
N TYR A 39 15.36 -5.00 12.31
CA TYR A 39 14.54 -5.28 11.15
C TYR A 39 13.10 -5.56 11.56
N ALA A 40 12.25 -5.80 10.58
CA ALA A 40 10.89 -6.27 10.86
C ALA A 40 10.72 -7.63 10.20
N ALA A 41 10.44 -8.64 11.02
CA ALA A 41 10.28 -10.01 10.51
C ALA A 41 8.81 -10.37 10.32
N LYS A 42 8.42 -10.67 9.08
CA LYS A 42 7.05 -11.07 8.79
C LYS A 42 6.94 -12.57 8.66
N PHE A 43 6.11 -13.19 9.49
CA PHE A 43 5.93 -14.63 9.46
C PHE A 43 4.65 -14.96 8.68
N ILE A 44 4.83 -15.44 7.44
CA ILE A 44 3.71 -15.78 6.56
C ILE A 44 3.40 -17.28 6.61
N LYS A 45 2.14 -17.63 6.92
CA LYS A 45 1.77 -19.03 7.06
C LYS A 45 1.60 -19.70 5.69
N LYS A 46 2.35 -20.78 5.48
CA LYS A 46 2.26 -21.55 4.23
C LYS A 46 0.98 -22.37 4.15
N ARG A 47 0.53 -22.62 2.93
CA ARG A 47 -0.54 -23.58 2.67
C ARG A 47 -0.05 -24.99 3.02
N ARG A 48 -0.91 -25.75 3.72
CA ARG A 48 -0.55 -27.09 4.16
C ARG A 48 -1.02 -28.15 3.18
N THR A 49 -2.05 -27.83 2.39
CA THR A 49 -2.51 -28.72 1.31
C THR A 49 -2.70 -27.88 0.04
N LYS A 50 -2.96 -28.56 -1.08
CA LYS A 50 -3.16 -27.91 -2.37
C LYS A 50 -4.39 -27.00 -2.37
N SER A 51 -5.55 -27.62 -2.13
CA SER A 51 -6.84 -26.95 -2.27
C SER A 51 -7.26 -26.14 -1.04
N SER A 52 -6.38 -26.05 -0.06
CA SER A 52 -6.67 -25.33 1.18
C SER A 52 -6.96 -23.85 0.96
N ARG A 53 -7.34 -23.16 2.03
CA ARG A 53 -7.65 -21.74 1.97
C ARG A 53 -7.12 -21.05 3.22
N ARG A 54 -6.54 -21.84 4.11
CA ARG A 54 -5.78 -21.32 5.25
C ARG A 54 -4.29 -21.24 4.89
N GLY A 55 -3.75 -20.02 4.89
CA GLY A 55 -2.37 -19.82 4.54
C GLY A 55 -2.19 -19.27 3.14
N VAL A 56 -0.94 -19.05 2.75
CA VAL A 56 -0.64 -18.39 1.49
C VAL A 56 0.03 -19.36 0.50
N SER A 57 -0.52 -19.43 -0.72
CA SER A 57 0.05 -20.30 -1.74
C SER A 57 1.49 -19.90 -2.02
N ARG A 58 2.33 -20.87 -2.36
CA ARG A 58 3.74 -20.58 -2.58
C ARG A 58 3.92 -19.68 -3.82
N GLU A 59 3.04 -19.85 -4.81
CA GLU A 59 3.06 -18.99 -6.00
C GLU A 59 2.92 -17.53 -5.59
N ASP A 60 2.01 -17.25 -4.68
CA ASP A 60 1.78 -15.88 -4.21
C ASP A 60 2.98 -15.37 -3.37
N ILE A 61 3.53 -16.25 -2.53
CA ILE A 61 4.70 -15.90 -1.73
C ILE A 61 5.90 -15.59 -2.62
N GLU A 62 6.11 -16.40 -3.64
CA GLU A 62 7.22 -16.18 -4.56
C GLU A 62 7.06 -14.91 -5.40
N ARG A 63 5.84 -14.61 -5.83
CA ARG A 63 5.59 -13.38 -6.57
C ARG A 63 5.93 -12.18 -5.69
N GLU A 64 5.45 -12.21 -4.45
CA GLU A 64 5.70 -11.11 -3.51
C GLU A 64 7.18 -10.92 -3.21
N VAL A 65 7.89 -12.02 -2.97
CA VAL A 65 9.33 -11.97 -2.70
C VAL A 65 10.09 -11.46 -3.93
N SER A 66 9.71 -11.92 -5.11
CA SER A 66 10.38 -11.48 -6.33
C SER A 66 10.22 -9.98 -6.59
N ILE A 67 9.03 -9.44 -6.35
CA ILE A 67 8.80 -8.00 -6.47
C ILE A 67 9.58 -7.21 -5.42
N LEU A 68 9.52 -7.66 -4.16
CA LEU A 68 10.27 -7.04 -3.08
C LEU A 68 11.79 -6.96 -3.31
N LYS A 69 12.35 -7.99 -3.92
CA LYS A 69 13.79 -8.02 -4.14
C LYS A 69 14.24 -7.00 -5.19
N GLU A 70 13.30 -6.53 -6.02
CA GLU A 70 13.62 -5.49 -7.01
C GLU A 70 13.81 -4.12 -6.37
N ILE A 71 13.21 -3.94 -5.21
CA ILE A 71 13.04 -2.60 -4.65
C ILE A 71 14.24 -2.02 -3.92
N GLN A 72 14.73 -0.88 -4.41
CA GLN A 72 15.59 0.00 -3.63
C GLN A 72 15.18 1.46 -3.86
N HIS A 73 14.38 1.99 -2.94
CA HIS A 73 13.91 3.37 -3.02
C HIS A 73 13.55 3.83 -1.60
N PRO A 74 13.84 5.10 -1.28
CA PRO A 74 13.61 5.67 0.05
C PRO A 74 12.15 5.67 0.48
N ASN A 75 11.21 5.70 -0.45
CA ASN A 75 9.78 5.73 -0.08
C ASN A 75 9.08 4.38 -0.16
N VAL A 76 9.85 3.32 -0.33
CA VAL A 76 9.29 1.98 -0.42
C VAL A 76 10.07 1.04 0.51
N ILE A 77 9.37 0.16 1.21
CA ILE A 77 10.00 -0.81 2.11
C ILE A 77 10.98 -1.71 1.35
N THR A 78 12.10 -2.06 1.98
CA THR A 78 13.08 -2.95 1.34
C THR A 78 13.11 -4.32 2.02
N LEU A 79 13.54 -5.34 1.29
CA LEU A 79 13.64 -6.70 1.83
C LEU A 79 15.11 -7.06 2.07
N HIS A 80 15.40 -7.55 3.27
CA HIS A 80 16.77 -7.88 3.65
C HIS A 80 17.11 -9.34 3.38
N GLU A 81 16.30 -10.25 3.91
CA GLU A 81 16.54 -11.69 3.75
C GLU A 81 15.22 -12.42 3.72
N VAL A 82 15.26 -13.68 3.29
CA VAL A 82 14.07 -14.54 3.35
C VAL A 82 14.45 -15.91 3.93
N TYR A 83 13.73 -16.34 4.97
CA TYR A 83 13.88 -17.67 5.55
C TYR A 83 12.60 -18.45 5.33
N GLU A 84 12.67 -19.77 5.43
CA GLU A 84 11.44 -20.55 5.46
C GLU A 84 11.63 -21.84 6.23
N ASN A 85 10.51 -22.41 6.65
CA ASN A 85 10.46 -23.77 7.18
C ASN A 85 9.14 -24.38 6.73
N LYS A 86 8.77 -25.53 7.29
CA LYS A 86 7.54 -26.22 6.87
C LYS A 86 6.27 -25.41 7.10
N THR A 87 6.29 -24.53 8.11
CA THR A 87 5.10 -23.78 8.52
C THR A 87 5.05 -22.38 7.92
N ASP A 88 6.20 -21.71 7.85
CA ASP A 88 6.24 -20.29 7.47
C ASP A 88 7.28 -19.93 6.43
N VAL A 89 7.02 -18.85 5.70
CA VAL A 89 8.06 -18.09 5.03
C VAL A 89 8.25 -16.83 5.86
N ILE A 90 9.50 -16.51 6.20
CA ILE A 90 9.77 -15.33 7.03
C ILE A 90 10.55 -14.29 6.23
N LEU A 91 9.95 -13.13 6.06
CA LEU A 91 10.60 -12.01 5.37
C LEU A 91 11.32 -11.13 6.38
N ILE A 92 12.62 -10.95 6.20
CA ILE A 92 13.33 -9.96 6.99
C ILE A 92 13.27 -8.63 6.23
N LEU A 93 12.45 -7.71 6.75
CA LEU A 93 12.18 -6.45 6.07
C LEU A 93 12.76 -5.25 6.82
N GLU A 94 12.87 -4.14 6.12
CA GLU A 94 13.35 -2.89 6.70
C GLU A 94 12.48 -2.47 7.87
N LEU A 95 13.09 -2.00 8.95
CA LEU A 95 12.32 -1.53 10.10
C LEU A 95 11.82 -0.11 9.89
N VAL A 96 10.52 0.08 10.14
CA VAL A 96 9.89 1.39 10.12
C VAL A 96 9.11 1.52 11.43
N ALA A 97 9.50 2.47 12.28
CA ALA A 97 9.03 2.48 13.67
C ALA A 97 8.01 3.56 14.05
N GLY A 98 7.55 4.35 13.08
CA GLY A 98 6.60 5.42 13.35
C GLY A 98 5.14 5.06 13.13
N GLY A 99 4.86 3.78 12.92
CA GLY A 99 3.49 3.31 12.79
C GLY A 99 2.81 3.69 11.49
N GLU A 100 1.54 3.29 11.36
CA GLU A 100 0.76 3.54 10.15
C GLU A 100 0.36 5.00 9.99
N LEU A 101 0.33 5.46 8.73
CA LEU A 101 -0.24 6.76 8.42
C LEU A 101 -1.69 6.80 8.88
N PHE A 102 -2.36 5.64 8.81
CA PHE A 102 -3.73 5.54 9.28
C PHE A 102 -3.91 6.03 10.72
N ASP A 103 -3.11 5.47 11.63
CA ASP A 103 -3.19 5.83 13.05
C ASP A 103 -2.68 7.25 13.30
N PHE A 104 -1.69 7.66 12.52
CA PHE A 104 -1.22 9.04 12.56
C PHE A 104 -2.36 10.01 12.25
N LEU A 105 -3.16 9.70 11.23
CA LEU A 105 -4.29 10.55 10.85
C LEU A 105 -5.37 10.59 11.94
N ALA A 106 -5.51 9.51 12.69
CA ALA A 106 -6.50 9.43 13.75
C ALA A 106 -6.12 10.28 14.98
N GLU A 107 -4.83 10.53 15.13
CA GLU A 107 -4.33 11.43 16.18
C GLU A 107 -4.79 12.86 15.89
N LYS A 108 -5.12 13.10 14.62
CA LYS A 108 -5.59 14.40 14.18
C LYS A 108 -6.85 14.18 13.34
N SER A 110 -7.57 15.65 10.51
CA SER A 110 -7.37 16.30 9.21
C SER A 110 -6.08 17.11 9.15
N LEU A 111 -5.50 17.16 7.96
CA LEU A 111 -4.25 17.89 7.74
C LEU A 111 -4.51 19.16 6.95
N THR A 112 -3.56 20.09 7.01
CA THR A 112 -3.55 21.22 6.08
C THR A 112 -3.21 20.66 4.70
N GLU A 113 -3.39 21.45 3.65
CA GLU A 113 -2.99 21.02 2.32
C GLU A 113 -1.48 20.77 2.24
N GLU A 114 -0.72 21.57 2.97
CA GLU A 114 0.74 21.43 2.96
C GLU A 114 1.16 20.13 3.63
N GLU A 115 0.54 19.83 4.77
CA GLU A 115 0.80 18.56 5.45
C GLU A 115 0.34 17.40 4.57
N ALA A 116 -0.80 17.57 3.92
CA ALA A 116 -1.31 16.58 2.97
C ALA A 116 -0.36 16.31 1.80
N THR A 117 0.20 17.37 1.20
CA THR A 117 1.09 17.21 0.04
C THR A 117 2.50 16.75 0.41
N GLU A 118 2.93 17.01 1.64
CA GLU A 118 4.23 16.52 2.08
C GLU A 118 4.23 14.99 2.16
N PHE A 119 3.09 14.43 2.55
CA PHE A 119 2.89 12.99 2.52
C PHE A 119 2.71 12.50 1.10
N LEU A 120 1.78 13.13 0.40
CA LEU A 120 1.37 12.71 -0.95
C LEU A 120 2.57 12.68 -1.90
N LYS A 121 3.38 13.73 -1.88
CA LYS A 121 4.59 13.78 -2.71
C LYS A 121 5.49 12.56 -2.54
N GLN A 122 5.65 12.11 -1.29
CA GLN A 122 6.46 10.93 -1.03
C GLN A 122 5.81 9.66 -1.58
N ILE A 123 4.51 9.52 -1.33
CA ILE A 123 3.72 8.42 -1.87
C ILE A 123 3.81 8.41 -3.39
N LEU A 124 3.65 9.58 -4.01
CA LEU A 124 3.72 9.69 -5.46
C LEU A 124 5.10 9.31 -5.99
N ASN A 125 6.16 9.73 -5.29
CA ASN A 125 7.52 9.37 -5.70
C ASN A 125 7.78 7.88 -5.56
N GLY A 126 7.19 7.27 -4.53
CA GLY A 126 7.31 5.85 -4.32
C GLY A 126 6.59 5.05 -5.40
N VAL A 127 5.38 5.50 -5.73
CA VAL A 127 4.56 4.86 -6.74
C VAL A 127 5.15 5.06 -8.14
N TYR A 128 5.76 6.22 -8.35
CA TYR A 128 6.41 6.53 -9.61
C TYR A 128 7.53 5.53 -9.86
N TYR A 129 8.31 5.27 -8.82
CA TYR A 129 9.35 4.26 -8.85
C TYR A 129 8.76 2.89 -9.19
N LEU A 130 7.73 2.50 -8.43
CA LEU A 130 7.06 1.21 -8.65
C LEU A 130 6.51 1.07 -10.08
N HIS A 131 5.75 2.06 -10.54
CA HIS A 131 5.15 2.01 -11.86
C HIS A 131 6.20 2.05 -12.98
N SER A 132 7.33 2.70 -12.72
CA SER A 132 8.43 2.73 -13.68
C SER A 132 9.00 1.32 -13.88
N LEU A 133 8.91 0.50 -12.83
CA LEU A 133 9.35 -0.89 -12.90
C LEU A 133 8.19 -1.79 -13.31
N GLN A 134 7.09 -1.16 -13.76
CA GLN A 134 5.86 -1.87 -14.15
C GLN A 134 5.27 -2.69 -13.01
N ILE A 135 5.41 -2.21 -11.78
CA ILE A 135 4.88 -2.91 -10.63
C ILE A 135 3.61 -2.22 -10.15
N ALA A 136 2.49 -2.96 -10.16
CA ALA A 136 1.24 -2.44 -9.59
C ALA A 136 1.12 -2.94 -8.15
N HIS A 137 0.91 -2.03 -7.21
CA HIS A 137 0.83 -2.37 -5.79
C HIS A 137 -0.49 -3.06 -5.44
N PHE A 138 -1.59 -2.44 -5.87
CA PHE A 138 -2.95 -2.99 -5.73
C PHE A 138 -3.49 -3.05 -4.30
N ASP A 139 -2.78 -2.47 -3.34
CA ASP A 139 -3.30 -2.43 -1.97
C ASP A 139 -2.91 -1.13 -1.26
N LEU A 140 -2.87 -0.03 -2.02
CA LEU A 140 -2.56 1.28 -1.46
C LEU A 140 -3.71 1.81 -0.59
N LYS A 141 -3.39 2.12 0.66
CA LYS A 141 -4.35 2.67 1.62
C LYS A 141 -3.51 3.17 2.81
N PRO A 142 -4.09 3.99 3.69
CA PRO A 142 -3.34 4.54 4.83
C PRO A 142 -2.77 3.49 5.79
N GLU A 143 -3.37 2.31 5.90
CA GLU A 143 -2.80 1.26 6.74
C GLU A 143 -1.50 0.67 6.14
N ASN A 144 -1.31 0.86 4.84
CA ASN A 144 -0.12 0.34 4.15
C ASN A 144 0.93 1.40 3.82
N ILE A 145 0.85 2.53 4.54
CA ILE A 145 1.83 3.60 4.46
C ILE A 145 2.40 3.77 5.87
N MET A 146 3.70 3.57 6.04
CA MET A 146 4.32 3.61 7.36
C MET A 146 5.26 4.81 7.51
N LEU A 147 5.24 5.44 8.68
CA LEU A 147 6.11 6.59 8.96
C LEU A 147 7.40 6.12 9.62
N LEU A 148 8.53 6.72 9.28
CA LEU A 148 9.79 6.40 9.94
C LEU A 148 9.77 6.88 11.39
N ASP A 149 9.22 8.07 11.58
CA ASP A 149 9.14 8.69 12.91
C ASP A 149 7.96 9.67 12.92
N ARG A 150 6.99 9.42 13.79
CA ARG A 150 5.76 10.20 13.81
C ARG A 150 5.88 11.47 14.67
N ASN A 151 7.01 11.60 15.37
CA ASN A 151 7.26 12.76 16.22
C ASN A 151 8.23 13.77 15.58
N VAL A 152 8.02 14.03 14.29
CA VAL A 152 8.76 15.04 13.54
C VAL A 152 7.74 15.86 12.75
N PRO A 153 8.09 17.10 12.35
CA PRO A 153 7.08 17.94 11.68
C PRO A 153 6.73 17.41 10.29
N LYS A 154 7.75 16.96 9.55
CA LYS A 154 7.55 16.37 8.23
C LYS A 154 8.00 14.93 8.21
N PRO A 155 7.10 14.01 8.58
CA PRO A 155 7.45 12.59 8.66
C PRO A 155 7.79 12.01 7.29
N ARG A 156 8.75 11.09 7.26
CA ARG A 156 9.10 10.42 6.02
C ARG A 156 8.38 9.07 5.96
N ILE A 157 7.88 8.69 4.80
CA ILE A 157 7.05 7.50 4.71
C ILE A 157 7.64 6.40 3.84
N LYS A 158 7.20 5.17 4.08
CA LYS A 158 7.54 4.06 3.21
C LYS A 158 6.28 3.27 2.88
N ILE A 159 6.15 2.88 1.61
CA ILE A 159 5.05 2.02 1.18
C ILE A 159 5.35 0.58 1.55
N ILE A 160 4.37 -0.11 2.13
CA ILE A 160 4.53 -1.51 2.52
C ILE A 160 3.42 -2.39 1.95
N ASP A 161 3.49 -3.68 2.29
CA ASP A 161 2.50 -4.71 1.93
C ASP A 161 2.36 -4.94 0.43
N PHE A 162 3.17 -5.86 -0.08
CA PHE A 162 3.16 -6.20 -1.50
C PHE A 162 2.47 -7.53 -1.75
N GLY A 163 1.53 -7.88 -0.87
CA GLY A 163 0.79 -9.14 -0.94
C GLY A 163 -0.12 -9.26 -2.15
N LEU A 164 -0.55 -8.12 -2.68
CA LEU A 164 -1.41 -8.12 -3.88
C LEU A 164 -0.67 -7.60 -5.10
N ALA A 165 0.58 -7.20 -4.91
CA ALA A 165 1.35 -6.57 -5.99
C ALA A 165 1.60 -7.52 -7.16
N HIS A 166 1.57 -6.97 -8.36
CA HIS A 166 1.82 -7.75 -9.58
C HIS A 166 2.68 -6.97 -10.57
N LYS A 167 3.52 -7.69 -11.32
CA LYS A 167 4.20 -7.08 -12.47
C LYS A 167 3.20 -6.98 -13.62
N ILE A 168 3.20 -5.86 -14.33
CA ILE A 168 2.30 -5.67 -15.46
C ILE A 168 3.11 -5.57 -16.76
N ASP A 169 3.44 -6.72 -17.35
CA ASP A 169 4.27 -6.77 -18.55
C ASP A 169 3.50 -6.50 -19.84
N PHE A 170 2.18 -6.59 -19.80
CA PHE A 170 1.34 -6.44 -20.99
C PHE A 170 0.33 -5.28 -20.89
N GLY A 171 0.62 -4.29 -20.05
CA GLY A 171 -0.29 -3.17 -19.90
C GLY A 171 -1.50 -3.50 -19.04
N ASN A 172 -1.84 -4.78 -18.94
CA ASN A 172 -2.89 -5.22 -18.02
C ASN A 172 -2.75 -6.67 -17.54
N GLU A 173 -3.25 -6.92 -16.33
CA GLU A 173 -3.33 -8.26 -15.75
C GLU A 173 -4.78 -8.68 -15.52
N PHE A 174 -5.03 -9.98 -15.43
CA PHE A 174 -6.38 -10.49 -15.29
C PHE A 174 -6.45 -11.62 -14.24
N LYS A 175 -5.75 -11.45 -13.12
CA LYS A 175 -5.75 -12.48 -12.09
C LYS A 175 -6.82 -12.26 -11.03
N ASN A 176 -6.84 -13.15 -10.04
CA ASN A 176 -7.74 -12.98 -8.90
C ASN A 176 -7.20 -11.94 -7.94
N ILE A 177 -7.62 -10.69 -8.12
CA ILE A 177 -7.06 -9.58 -7.35
C ILE A 177 -8.17 -8.71 -6.78
N PHE A 178 -8.16 -8.52 -5.46
CA PHE A 178 -9.21 -7.76 -4.79
C PHE A 178 -8.78 -7.35 -3.37
N GLY A 179 -8.58 -6.05 -3.17
CA GLY A 179 -8.18 -5.52 -1.88
C GLY A 179 -9.33 -4.95 -1.07
N THR A 180 -9.08 -3.81 -0.44
CA THR A 180 -10.03 -3.20 0.50
C THR A 180 -11.03 -2.28 -0.20
N PRO A 181 -12.33 -2.60 -0.08
CA PRO A 181 -13.45 -1.94 -0.76
C PRO A 181 -13.37 -0.42 -0.84
N GLU A 182 -12.97 0.25 0.23
CA GLU A 182 -12.89 1.72 0.24
C GLU A 182 -11.87 2.29 -0.73
N PHE A 183 -10.90 1.47 -1.11
CA PHE A 183 -9.74 1.97 -1.85
C PHE A 183 -9.61 1.36 -3.24
N VAL A 184 -10.35 0.28 -3.51
CA VAL A 184 -10.28 -0.36 -4.82
C VAL A 184 -10.95 0.45 -5.93
N ALA A 185 -10.34 0.44 -7.11
CA ALA A 185 -10.88 1.10 -8.28
C ALA A 185 -12.07 0.31 -8.84
N PRO A 186 -12.93 0.96 -9.65
CA PRO A 186 -14.07 0.29 -10.26
C PRO A 186 -13.70 -0.96 -11.08
N GLU A 187 -12.58 -0.95 -11.79
CA GLU A 187 -12.17 -2.09 -12.61
C GLU A 187 -11.93 -3.36 -11.76
N ILE A 188 -11.48 -3.16 -10.53
CA ILE A 188 -11.36 -4.23 -9.53
C ILE A 188 -12.74 -4.71 -9.08
N VAL A 189 -13.62 -3.77 -8.73
CA VAL A 189 -14.99 -4.08 -8.33
C VAL A 189 -15.72 -4.87 -9.41
N ASN A 190 -15.51 -4.47 -10.66
CA ASN A 190 -16.18 -5.09 -11.80
C ASN A 190 -15.43 -6.27 -12.42
N TYR A 191 -14.34 -6.69 -11.79
CA TYR A 191 -13.52 -7.81 -12.27
C TYR A 191 -13.01 -7.62 -13.71
N GLU A 192 -12.55 -6.42 -14.01
CA GLU A 192 -11.98 -6.11 -15.31
C GLU A 192 -10.48 -6.33 -15.31
N PRO A 193 -9.85 -6.33 -16.49
CA PRO A 193 -8.39 -6.32 -16.54
C PRO A 193 -7.86 -5.12 -15.78
N LEU A 194 -6.78 -5.32 -15.04
CA LEU A 194 -6.24 -4.30 -14.16
C LEU A 194 -4.82 -3.91 -14.60
N GLY A 195 -4.47 -2.64 -14.41
CA GLY A 195 -3.13 -2.18 -14.74
C GLY A 195 -2.62 -1.22 -13.69
N LEU A 196 -1.64 -0.40 -14.06
CA LEU A 196 -1.09 0.60 -13.14
C LEU A 196 -2.12 1.65 -12.72
N GLU A 197 -3.19 1.81 -13.50
CA GLU A 197 -4.17 2.85 -13.26
C GLU A 197 -4.93 2.67 -11.95
N ALA A 198 -5.04 1.42 -11.50
CA ALA A 198 -5.78 1.13 -10.27
C ALA A 198 -5.17 1.83 -9.06
N ASP A 199 -3.85 1.83 -8.96
CA ASP A 199 -3.14 2.52 -7.88
C ASP A 199 -3.44 4.01 -7.88
N MET A 200 -3.58 4.60 -9.06
CA MET A 200 -3.85 6.02 -9.17
C MET A 200 -5.21 6.37 -8.58
N TRP A 201 -6.18 5.47 -8.75
CA TRP A 201 -7.49 5.63 -8.15
C TRP A 201 -7.36 5.61 -6.62
N SER A 202 -6.64 4.62 -6.10
CA SER A 202 -6.41 4.49 -4.66
C SER A 202 -5.81 5.78 -4.07
N ILE A 203 -4.88 6.38 -4.82
CA ILE A 203 -4.21 7.63 -4.44
C ILE A 203 -5.20 8.79 -4.31
N GLY A 204 -6.21 8.82 -5.19
CA GLY A 204 -7.24 9.83 -5.13
C GLY A 204 -8.09 9.65 -3.87
N VAL A 205 -8.35 8.40 -3.52
CA VAL A 205 -9.11 8.09 -2.30
C VAL A 205 -8.31 8.51 -1.06
N ILE A 206 -7.04 8.11 -1.01
CA ILE A 206 -6.13 8.53 0.05
C ILE A 206 -6.07 10.05 0.19
N THR A 207 -5.97 10.78 -0.92
CA THR A 207 -5.88 12.23 -0.90
C THR A 207 -7.15 12.87 -0.35
N TYR A 208 -8.30 12.32 -0.77
CA TYR A 208 -9.60 12.75 -0.26
C TYR A 208 -9.65 12.61 1.26
N ILE A 209 -9.20 11.46 1.75
CA ILE A 209 -9.18 11.17 3.18
C ILE A 209 -8.23 12.09 3.95
N LEU A 210 -7.02 12.29 3.43
CA LEU A 210 -6.03 13.17 4.04
C LEU A 210 -6.59 14.58 4.28
N LEU A 211 -7.21 15.15 3.25
CA LEU A 211 -7.74 16.50 3.30
C LEU A 211 -9.00 16.64 4.17
N SER A 212 -9.85 15.61 4.18
CA SER A 212 -11.17 15.72 4.79
C SER A 212 -11.31 14.96 6.11
N GLY A 213 -10.56 13.88 6.25
CA GLY A 213 -10.79 12.98 7.37
C GLY A 213 -11.96 12.03 7.12
N ALA A 214 -12.52 12.08 5.91
CA ALA A 214 -13.66 11.24 5.54
C ALA A 214 -13.37 10.34 4.35
N SER A 215 -14.04 9.20 4.31
CA SER A 215 -13.90 8.23 3.22
C SER A 215 -15.00 8.47 2.19
N PRO A 216 -14.61 8.69 0.93
CA PRO A 216 -15.53 9.19 -0.09
C PRO A 216 -16.57 8.18 -0.58
N PHE A 217 -16.27 6.90 -0.54
CA PHE A 217 -17.18 5.87 -1.05
C PHE A 217 -17.79 5.00 0.04
N LEU A 218 -17.33 5.17 1.27
CA LEU A 218 -17.75 4.31 2.37
C LEU A 218 -19.26 4.23 2.55
N GLY A 219 -19.80 3.02 2.43
CA GLY A 219 -21.19 2.77 2.74
C GLY A 219 -21.30 2.04 4.06
N ASP A 220 -22.52 1.71 4.47
CA ASP A 220 -22.72 1.02 5.75
C ASP A 220 -22.26 -0.43 5.73
N THR A 221 -21.98 -0.95 4.54
CA THR A 221 -21.51 -2.32 4.41
C THR A 221 -20.58 -2.45 3.21
N LYS A 222 -19.79 -3.51 3.18
CA LYS A 222 -18.80 -3.74 2.13
C LYS A 222 -19.38 -3.70 0.72
N GLN A 223 -20.54 -4.34 0.52
CA GLN A 223 -21.15 -4.38 -0.82
C GLN A 223 -21.63 -3.00 -1.27
N GLU A 224 -22.16 -2.21 -0.34
CA GLU A 224 -22.60 -0.85 -0.63
C GLU A 224 -21.43 0.04 -1.04
N THR A 225 -20.30 -0.13 -0.36
CA THR A 225 -19.08 0.61 -0.67
C THR A 225 -18.64 0.29 -2.10
N LEU A 226 -18.67 -1.00 -2.44
CA LEU A 226 -18.31 -1.45 -3.77
C LEU A 226 -19.29 -0.94 -4.82
N ALA A 227 -20.57 -0.86 -4.46
CA ALA A 227 -21.59 -0.34 -5.37
C ALA A 227 -21.34 1.15 -5.63
N ASN A 228 -20.99 1.88 -4.57
CA ASN A 228 -20.61 3.28 -4.66
C ASN A 228 -19.36 3.53 -5.49
N VAL A 229 -18.35 2.65 -5.31
CA VAL A 229 -17.12 2.76 -6.08
C VAL A 229 -17.40 2.62 -7.57
N SER A 230 -18.14 1.59 -7.94
CA SER A 230 -18.42 1.33 -9.34
C SER A 230 -19.25 2.45 -9.99
N ALA A 231 -20.17 3.03 -9.21
CA ALA A 231 -21.00 4.11 -9.72
C ALA A 231 -20.33 5.47 -9.58
N VAL A 232 -19.10 5.48 -9.06
CA VAL A 232 -18.37 6.72 -8.76
C VAL A 232 -19.24 7.64 -7.91
N ASN A 233 -19.85 7.05 -6.88
CA ASN A 233 -20.76 7.78 -6.00
C ASN A 233 -20.00 8.46 -4.86
N TYR A 234 -19.42 9.63 -5.16
CA TYR A 234 -18.73 10.45 -4.17
C TYR A 234 -18.96 11.92 -4.48
N GLU A 235 -18.79 12.77 -3.48
CA GLU A 235 -18.83 14.23 -3.67
C GLU A 235 -17.98 14.94 -2.63
N PHE A 236 -17.57 16.17 -2.92
CA PHE A 236 -16.86 16.96 -1.93
C PHE A 236 -17.87 17.68 -1.03
N GLU A 237 -18.03 17.19 0.19
CA GLU A 237 -18.93 17.82 1.16
C GLU A 237 -18.40 19.19 1.54
N ASP A 238 -19.25 20.20 1.42
CA ASP A 238 -18.88 21.57 1.76
C ASP A 238 -18.34 21.68 3.18
N GLU A 239 -18.90 20.90 4.10
CA GLU A 239 -18.47 20.96 5.49
C GLU A 239 -17.00 20.53 5.69
N TYR A 240 -16.48 19.74 4.75
CA TYR A 240 -15.10 19.25 4.82
C TYR A 240 -14.16 20.05 3.92
N PHE A 241 -14.68 20.52 2.80
CA PHE A 241 -13.83 21.11 1.74
C PHE A 241 -14.05 22.60 1.48
N SER A 242 -14.89 23.25 2.28
CA SER A 242 -15.21 24.69 2.06
C SER A 242 -13.97 25.57 2.06
N ASN A 243 -12.98 25.20 2.87
CA ASN A 243 -11.70 25.92 2.90
C ASN A 243 -10.54 25.10 2.32
N THR A 244 -10.85 24.20 1.39
CA THR A 244 -9.82 23.46 0.65
C THR A 244 -9.78 24.02 -0.77
N SER A 245 -8.57 24.25 -1.29
CA SER A 245 -8.40 24.84 -2.61
C SER A 245 -9.12 24.04 -3.68
N ALA A 246 -9.61 24.74 -4.70
CA ALA A 246 -10.30 24.06 -5.79
C ALA A 246 -9.31 23.25 -6.62
N LEU A 247 -8.03 23.63 -6.54
CA LEU A 247 -6.95 22.93 -7.22
C LEU A 247 -6.70 21.56 -6.58
N ALA A 248 -6.84 21.48 -5.26
CA ALA A 248 -6.76 20.20 -4.57
C ALA A 248 -7.92 19.29 -4.96
N LYS A 249 -9.12 19.87 -5.09
CA LYS A 249 -10.29 19.13 -5.56
C LYS A 249 -10.12 18.63 -6.99
N ASP A 250 -9.52 19.47 -7.84
CA ASP A 250 -9.19 19.11 -9.22
C ASP A 250 -8.25 17.89 -9.27
N PHE A 251 -7.20 17.91 -8.45
CA PHE A 251 -6.28 16.78 -8.34
C PHE A 251 -7.04 15.47 -8.07
N ILE A 252 -7.92 15.50 -7.07
CA ILE A 252 -8.70 14.33 -6.69
C ILE A 252 -9.68 13.94 -7.80
N ARG A 253 -10.34 14.95 -8.37
CA ARG A 253 -11.36 14.69 -9.38
C ARG A 253 -10.76 14.03 -10.63
N ARG A 254 -9.50 14.33 -10.94
CA ARG A 254 -8.84 13.74 -12.10
C ARG A 254 -8.31 12.32 -11.84
N LEU A 255 -8.34 11.91 -10.58
CA LEU A 255 -7.94 10.55 -10.21
C LEU A 255 -9.15 9.64 -10.01
N LEU A 256 -10.23 10.18 -9.45
CA LEU A 256 -11.45 9.39 -9.23
C LEU A 256 -12.29 9.33 -10.50
N VAL A 257 -11.70 8.78 -11.56
CA VAL A 257 -12.34 8.63 -12.87
C VAL A 257 -12.56 7.15 -13.15
N LYS A 258 -13.77 6.78 -13.57
CA LYS A 258 -14.12 5.38 -13.80
C LYS A 258 -13.29 4.73 -14.92
N ASP A 259 -13.13 5.44 -16.04
CA ASP A 259 -12.33 4.94 -17.15
C ASP A 259 -10.83 5.09 -16.84
N PRO A 260 -10.12 3.97 -16.70
CA PRO A 260 -8.68 3.96 -16.36
C PRO A 260 -7.87 4.71 -17.41
N LYS A 261 -8.34 4.68 -18.65
CA LYS A 261 -7.68 5.37 -19.75
C LYS A 261 -7.82 6.89 -19.66
N LYS A 262 -8.82 7.36 -18.93
CA LYS A 262 -9.04 8.79 -18.75
C LYS A 262 -8.48 9.26 -17.41
N ARG A 263 -8.04 8.32 -16.58
CA ARG A 263 -7.51 8.62 -15.25
C ARG A 263 -6.08 9.17 -15.35
N MET A 264 -5.70 10.06 -14.44
CA MET A 264 -4.32 10.59 -14.44
C MET A 264 -3.33 9.45 -14.19
N THR A 265 -2.22 9.46 -14.91
CA THR A 265 -1.12 8.51 -14.69
C THR A 265 -0.24 9.05 -13.57
N ILE A 266 0.75 8.29 -13.13
CA ILE A 266 1.63 8.77 -12.05
C ILE A 266 2.47 9.96 -12.53
N GLN A 267 2.87 9.93 -13.79
CA GLN A 267 3.60 11.06 -14.38
C GLN A 267 2.73 12.31 -14.46
N ASP A 268 1.46 12.14 -14.86
CA ASP A 268 0.50 13.25 -14.88
C ASP A 268 0.36 13.86 -13.50
N SER A 269 0.17 13.01 -12.49
CA SER A 269 -0.08 13.45 -11.12
C SER A 269 1.08 14.29 -10.60
N LEU A 270 2.29 13.97 -11.05
CA LEU A 270 3.48 14.71 -10.64
C LEU A 270 3.60 16.08 -11.34
N GLN A 271 2.98 16.21 -12.51
CA GLN A 271 2.99 17.48 -13.26
C GLN A 271 1.77 18.36 -12.95
N HIS A 272 0.84 17.83 -12.17
CA HIS A 272 -0.36 18.57 -11.77
C HIS A 272 0.05 19.81 -10.96
N PRO A 273 -0.55 20.97 -11.26
CA PRO A 273 -0.25 22.26 -10.65
C PRO A 273 -0.32 22.24 -9.12
N TRP A 274 -1.16 21.38 -8.55
CA TRP A 274 -1.26 21.28 -7.10
C TRP A 274 0.01 20.65 -6.54
N ILE A 275 0.62 19.79 -7.35
CA ILE A 275 1.81 19.06 -6.92
C ILE A 275 3.10 19.72 -7.39
N LYS A 276 3.15 20.06 -8.68
CA LYS A 276 4.36 20.60 -9.32
C LYS A 276 4.89 21.89 -8.67
N PRO A 277 6.19 21.92 -8.36
CA PRO A 277 6.77 23.21 -7.97
C PRO A 277 7.22 23.99 -9.19
OAB MRI B . 2.72 -5.43 6.81
CAM MRI B . 3.94 -4.90 7.11
CAN MRI B . 4.08 -4.21 8.32
OAD MRI B . 3.15 -4.08 9.10
CAI MRI B . 5.34 -3.68 8.62
CAO MRI B . 5.57 -3.01 9.81
OAC MRI B . 4.52 -2.86 10.65
CAS MRI B . 6.82 -2.47 10.12
CAR MRI B . 7.87 -2.64 9.24
OAF MRI B . 9.09 -2.13 9.53
CAP MRI B . 7.65 -3.32 8.04
CAJ MRI B . 6.41 -3.84 7.73
OAA MRI B . 6.20 -4.51 6.56
CAK MRI B . 5.00 -5.07 6.22
CAL MRI B . 4.98 -5.73 4.97
CAT MRI B . 5.96 -5.33 4.06
CAV MRI B . 6.05 -5.92 2.80
CAW MRI B . 5.16 -6.90 2.41
OAG MRI B . 5.27 -7.47 1.16
CAU MRI B . 4.18 -7.33 3.31
CAQ MRI B . 4.10 -6.74 4.56
OAE MRI B . 3.13 -7.14 5.43
#